data_3BUL
#
_entry.id   3BUL
#
_cell.length_a   106.529
_cell.length_b   106.529
_cell.length_c   137.150
_cell.angle_alpha   90.000
_cell.angle_beta   90.000
_cell.angle_gamma   90.000
#
_symmetry.space_group_name_H-M   'P 43 21 2'
#
loop_
_entity.id
_entity.type
_entity.pdbx_description
1 polymer 'Methionine synthase'
2 non-polymer COBALAMIN
3 water water
#
_entity_poly.entity_id   1
_entity_poly.type   'polypeptide(L)'
_entity_poly.pdbx_seq_one_letter_code
;AQQAEWRSWEVNKRLEYSLVKGITEFIEQDTEEARQQATRPCEVIEGPLMDGMNVVGDLFGEGKMFLPQVVKSARVMKQA
VAYLEPFIEASKEQCKTNGKMVIATVKGDVHDIGKNIVGVVLQCNNYEIVDLGVMVPAEKILRTAKEVNADLIGLSGLIT
PSLDEMVNVAKEMERQGFTIPLLIGGATTSKAHTAVKIEQNYSGPTVYVQNASRTVGVVAALLSDTQRDDFVARTRKEYE
TVRIQHGRKKPRTPPVTLEAARDNDFAFDWQAYTPPVAHRLGVQEVEASIETLRNYIDWTPFFMTWSLAGKYPRILEDEV
VGVEAQRLFKDANDMLDKLSAEKTLNPRGVVGLFPANRVGDDIEIYRDETRTHVINVSHHLRQQTEKTGFANYCLADFVA
PKLSGKADYIGAFAVTGGLEEDALADAFEAQHDDYNKIMVKALADRLAEAFAEYLHERVRKVYWGYAPNENLSNEELIRE
NYQGIRPAPGYPACPEHTEKATIWELLEVEKHTGMKLTESFAMWPGASVSGWYFSHPDSKYYAVAQIQRDQVEDYARRKG
MSVTEVERWLAPNLGYDAD
;
_entity_poly.pdbx_strand_id   A
#
loop_
_chem_comp.id
_chem_comp.type
_chem_comp.name
_chem_comp.formula
B12 non-polymer COBALAMIN 'C62 H89 Co N13 O14 P 2'
#
# COMPACT_ATOMS: atom_id res chain seq x y z
N GLN A 3 -14.82 -36.21 26.12
CA GLN A 3 -15.87 -36.49 25.08
C GLN A 3 -15.48 -35.61 23.96
N ALA A 4 -14.38 -35.91 23.26
CA ALA A 4 -13.90 -35.11 22.09
C ALA A 4 -12.57 -35.68 21.71
N GLU A 5 -12.57 -36.41 20.61
CA GLU A 5 -11.45 -37.17 20.08
C GLU A 5 -10.09 -36.50 20.37
N TRP A 6 -9.86 -35.31 19.81
CA TRP A 6 -8.58 -34.62 20.03
C TRP A 6 -8.26 -34.29 21.49
N ARG A 7 -9.28 -34.14 22.33
CA ARG A 7 -9.02 -33.87 23.75
C ARG A 7 -8.34 -35.07 24.41
N SER A 8 -8.43 -36.20 23.73
CA SER A 8 -7.96 -37.47 24.25
C SER A 8 -6.51 -37.74 23.84
N TRP A 9 -5.98 -37.02 22.84
CA TRP A 9 -4.56 -37.24 22.44
C TRP A 9 -3.56 -36.68 23.49
N GLU A 10 -2.29 -37.09 23.34
CA GLU A 10 -1.23 -36.60 24.24
C GLU A 10 -1.16 -35.11 23.98
N VAL A 11 -0.94 -34.33 25.04
CA VAL A 11 -0.78 -32.87 24.99
C VAL A 11 0.02 -32.32 23.78
N ASN A 12 1.12 -32.97 23.43
CA ASN A 12 1.92 -32.47 22.33
C ASN A 12 1.20 -32.52 20.95
N LYS A 13 0.25 -33.48 20.82
CA LYS A 13 -0.54 -33.66 19.59
C LYS A 13 -1.79 -32.81 19.63
N ARG A 14 -2.18 -32.49 20.86
CA ARG A 14 -3.20 -31.54 21.06
C ARG A 14 -2.71 -30.13 20.67
N LEU A 15 -1.50 -29.75 21.14
CA LEU A 15 -0.95 -28.45 20.80
C LEU A 15 -0.93 -28.35 19.28
N GLU A 16 -0.37 -29.35 18.58
CA GLU A 16 -0.34 -29.25 17.12
C GLU A 16 -1.73 -29.04 16.51
N TYR A 17 -2.74 -29.75 17.04
CA TYR A 17 -4.03 -29.78 16.37
C TYR A 17 -4.65 -28.44 16.58
N SER A 18 -4.48 -27.90 17.78
CA SER A 18 -4.98 -26.58 18.12
C SER A 18 -4.27 -25.45 17.30
N LEU A 19 -2.99 -25.62 17.01
CA LEU A 19 -2.29 -24.66 16.18
C LEU A 19 -2.87 -24.80 14.77
N VAL A 20 -2.75 -25.99 14.19
CA VAL A 20 -3.20 -26.22 12.83
C VAL A 20 -4.62 -25.68 12.67
N LYS A 21 -5.50 -25.95 13.60
CA LYS A 21 -6.89 -25.64 13.39
C LYS A 21 -7.22 -24.22 13.83
N GLY A 22 -6.27 -23.49 14.43
CA GLY A 22 -6.60 -22.14 14.96
C GLY A 22 -7.56 -22.10 16.15
N ILE A 23 -7.54 -23.10 16.98
CA ILE A 23 -8.50 -23.13 18.10
C ILE A 23 -7.83 -22.52 19.35
N THR A 24 -8.47 -21.58 20.09
CA THR A 24 -7.80 -20.97 21.23
C THR A 24 -8.30 -21.42 22.61
N GLU A 25 -9.43 -22.13 22.68
CA GLU A 25 -10.08 -22.30 23.96
C GLU A 25 -9.32 -23.04 25.01
N PHE A 26 -8.44 -23.97 24.59
CA PHE A 26 -7.69 -24.85 25.48
C PHE A 26 -6.20 -24.59 25.41
N ILE A 27 -5.81 -23.45 24.82
CA ILE A 27 -4.39 -23.25 24.58
C ILE A 27 -3.61 -23.09 25.87
N GLU A 28 -4.12 -22.31 26.82
CA GLU A 28 -3.46 -22.12 28.08
C GLU A 28 -3.29 -23.46 28.78
N GLN A 29 -4.39 -24.18 29.03
CA GLN A 29 -4.28 -25.46 29.73
C GLN A 29 -3.38 -26.48 29.01
N ASP A 30 -3.47 -26.60 27.70
CA ASP A 30 -2.58 -27.52 27.00
C ASP A 30 -1.09 -27.10 27.13
N THR A 31 -0.84 -25.78 27.02
CA THR A 31 0.48 -25.22 27.26
C THR A 31 0.88 -25.39 28.74
N GLU A 32 -0.01 -25.09 29.69
CA GLU A 32 0.30 -25.36 31.06
C GLU A 32 0.67 -26.85 31.27
N GLU A 33 0.05 -27.74 30.53
CA GLU A 33 0.34 -29.12 30.74
C GLU A 33 1.70 -29.47 30.17
N ALA A 34 1.99 -28.98 28.95
CA ALA A 34 3.26 -29.25 28.26
C ALA A 34 4.45 -28.73 29.04
N ARG A 35 4.22 -27.62 29.73
CA ARG A 35 5.18 -27.00 30.57
C ARG A 35 5.63 -27.96 31.68
N GLN A 36 4.65 -28.48 32.43
CA GLN A 36 4.94 -29.49 33.43
C GLN A 36 5.64 -30.67 32.82
N GLN A 37 5.17 -31.12 31.66
CA GLN A 37 5.80 -32.18 30.91
C GLN A 37 7.29 -31.93 30.66
N ALA A 38 7.72 -30.67 30.69
CA ALA A 38 9.11 -30.37 30.35
C ALA A 38 9.88 -29.73 31.49
N THR A 39 11.16 -29.53 31.26
CA THR A 39 12.03 -29.10 32.35
C THR A 39 12.21 -27.58 32.31
N ARG A 40 12.69 -27.05 31.20
CA ARG A 40 12.74 -25.60 30.96
C ARG A 40 11.47 -25.14 30.24
N PRO A 41 10.90 -23.98 30.64
CA PRO A 41 9.74 -23.49 29.93
C PRO A 41 9.97 -23.45 28.41
N CYS A 42 11.10 -22.95 27.96
CA CYS A 42 11.32 -22.84 26.52
C CYS A 42 11.21 -24.17 25.77
N GLU A 43 11.30 -25.30 26.49
CA GLU A 43 11.17 -26.61 25.84
C GLU A 43 9.82 -26.73 25.07
N VAL A 44 8.81 -25.99 25.52
CA VAL A 44 7.47 -26.06 24.94
C VAL A 44 7.34 -25.38 23.57
N ILE A 45 7.96 -24.21 23.45
CA ILE A 45 7.99 -23.48 22.22
C ILE A 45 8.80 -24.22 21.19
N GLU A 46 9.98 -24.71 21.60
CA GLU A 46 10.95 -25.29 20.68
C GLU A 46 10.52 -26.66 20.17
N GLY A 47 9.66 -27.32 20.95
CA GLY A 47 9.18 -28.67 20.63
C GLY A 47 7.79 -28.69 20.02
N PRO A 48 6.74 -28.95 20.84
CA PRO A 48 5.40 -29.10 20.27
C PRO A 48 4.89 -27.85 19.48
N LEU A 49 5.06 -26.66 20.04
CA LEU A 49 4.67 -25.40 19.40
C LEU A 49 5.29 -25.27 18.01
N MET A 50 6.61 -25.38 17.89
CA MET A 50 7.18 -25.35 16.53
C MET A 50 6.96 -26.62 15.70
N ASP A 51 6.67 -27.76 16.30
CA ASP A 51 6.18 -28.93 15.52
C ASP A 51 4.82 -28.58 14.90
N GLY A 52 3.96 -27.96 15.71
CA GLY A 52 2.68 -27.46 15.24
C GLY A 52 2.93 -26.61 14.00
N MET A 53 3.81 -25.61 14.15
CA MET A 53 4.04 -24.71 13.01
C MET A 53 4.78 -25.41 11.89
N ASN A 54 5.50 -26.45 12.24
CA ASN A 54 5.99 -27.34 11.21
C ASN A 54 4.94 -27.92 10.31
N VAL A 55 3.86 -28.42 10.91
CA VAL A 55 2.77 -29.05 10.14
C VAL A 55 2.00 -28.01 9.32
N VAL A 56 1.71 -26.89 9.98
CA VAL A 56 1.05 -25.71 9.37
C VAL A 56 1.81 -25.32 8.13
N GLY A 57 3.13 -25.23 8.24
CA GLY A 57 3.96 -24.86 7.10
C GLY A 57 3.95 -25.88 5.98
N ASP A 58 3.96 -27.16 6.32
CA ASP A 58 3.91 -28.15 5.24
C ASP A 58 2.55 -28.12 4.54
N LEU A 59 1.45 -27.99 5.31
CA LEU A 59 0.12 -27.94 4.73
C LEU A 59 -0.07 -26.74 3.83
N PHE A 60 0.53 -25.60 4.19
CA PHE A 60 0.51 -24.42 3.38
C PHE A 60 1.30 -24.66 2.13
N GLY A 61 2.50 -25.24 2.31
CA GLY A 61 3.34 -25.70 1.20
C GLY A 61 2.57 -26.58 0.21
N GLU A 62 1.78 -27.51 0.72
CA GLU A 62 0.94 -28.35 -0.12
C GLU A 62 -0.30 -27.70 -0.70
N GLY A 63 -0.79 -26.60 -0.12
CA GLY A 63 -1.94 -25.93 -0.70
C GLY A 63 -3.20 -26.49 -0.06
N LYS A 64 -3.05 -26.96 1.17
CA LYS A 64 -4.19 -27.43 1.89
C LYS A 64 -4.65 -26.41 2.96
N MET A 65 -3.80 -25.42 3.27
CA MET A 65 -4.15 -24.27 4.09
C MET A 65 -3.74 -23.06 3.31
N PHE A 66 -4.45 -21.97 3.54
CA PHE A 66 -4.04 -20.69 2.99
C PHE A 66 -3.78 -19.63 4.01
N LEU A 67 -3.47 -18.44 3.54
CA LEU A 67 -2.92 -17.47 4.43
C LEU A 67 -3.91 -17.13 5.58
N PRO A 68 -5.19 -16.90 5.28
CA PRO A 68 -6.04 -16.59 6.42
C PRO A 68 -5.95 -17.66 7.56
N GLN A 69 -5.91 -18.94 7.21
CA GLN A 69 -5.72 -19.99 8.25
C GLN A 69 -4.33 -19.92 8.88
N VAL A 70 -3.28 -19.64 8.09
CA VAL A 70 -1.98 -19.61 8.71
C VAL A 70 -1.99 -18.48 9.77
N VAL A 71 -2.62 -17.36 9.44
CA VAL A 71 -2.70 -16.27 10.41
C VAL A 71 -3.47 -16.64 11.66
N LYS A 72 -4.55 -17.41 11.51
CA LYS A 72 -5.29 -17.93 12.69
C LYS A 72 -4.44 -18.92 13.54
N SER A 73 -3.64 -19.77 12.90
CA SER A 73 -2.64 -20.58 13.65
C SER A 73 -1.66 -19.68 14.43
N ALA A 74 -1.11 -18.64 13.77
CA ALA A 74 -0.16 -17.73 14.46
C ALA A 74 -0.80 -17.19 15.71
N ARG A 75 -2.09 -16.96 15.65
CA ARG A 75 -2.84 -16.51 16.82
C ARG A 75 -2.80 -17.50 17.98
N VAL A 76 -2.92 -18.80 17.71
CA VAL A 76 -2.92 -19.75 18.81
C VAL A 76 -1.46 -19.78 19.37
N MET A 77 -0.47 -19.70 18.49
CA MET A 77 0.92 -19.71 18.89
C MET A 77 1.27 -18.56 19.81
N LYS A 78 0.92 -17.31 19.46
CA LYS A 78 1.22 -16.15 20.31
C LYS A 78 0.44 -16.16 21.57
N GLN A 79 -0.64 -16.91 21.63
CA GLN A 79 -1.27 -17.07 22.95
C GLN A 79 -0.59 -18.10 23.84
N ALA A 80 -0.09 -19.16 23.25
CA ALA A 80 0.67 -20.09 24.02
C ALA A 80 1.87 -19.33 24.64
N VAL A 81 2.63 -18.65 23.78
CA VAL A 81 3.83 -17.92 24.14
C VAL A 81 3.44 -16.86 25.17
N ALA A 82 2.32 -16.17 24.98
CA ALA A 82 2.05 -15.11 25.92
C ALA A 82 1.84 -15.71 27.31
N TYR A 83 1.36 -16.94 27.37
CA TYR A 83 1.12 -17.61 28.65
C TYR A 83 2.45 -17.97 29.25
N LEU A 84 3.36 -18.44 28.39
CA LEU A 84 4.67 -18.91 28.78
C LEU A 84 5.61 -17.80 29.21
N GLU A 85 5.56 -16.65 28.55
CA GLU A 85 6.50 -15.56 28.88
C GLU A 85 6.80 -15.37 30.40
N PRO A 86 5.76 -15.30 31.26
CA PRO A 86 6.07 -15.26 32.70
C PRO A 86 7.08 -16.35 33.17
N PHE A 87 6.86 -17.59 32.76
CA PHE A 87 7.66 -18.72 33.19
C PHE A 87 9.05 -18.68 32.59
N ILE A 88 9.17 -18.14 31.37
CA ILE A 88 10.44 -18.09 30.67
C ILE A 88 11.32 -17.01 31.26
N GLU A 89 10.69 -15.89 31.56
CA GLU A 89 11.41 -14.74 32.07
C GLU A 89 11.89 -15.01 33.51
N ALA A 90 10.94 -15.41 34.36
CA ALA A 90 11.22 -15.84 35.72
C ALA A 90 11.93 -17.20 35.75
N SER A 91 12.86 -17.38 34.83
CA SER A 91 13.71 -18.55 34.77
C SER A 91 15.07 -18.25 34.14
N LYS A 92 15.95 -19.23 34.27
CA LYS A 92 17.25 -19.24 33.63
C LYS A 92 17.12 -18.98 32.11
N GLU A 93 17.27 -20.06 31.31
CA GLU A 93 17.30 -20.08 29.83
C GLU A 93 16.43 -18.95 29.21
N GLN A 94 16.72 -18.57 27.96
CA GLN A 94 15.86 -17.62 27.23
C GLN A 94 15.75 -17.78 25.71
N CYS A 95 15.63 -19.02 25.25
CA CYS A 95 14.80 -19.37 24.05
C CYS A 95 15.43 -19.35 22.66
N LYS A 96 15.57 -20.50 22.06
CA LYS A 96 16.30 -20.54 20.83
C LYS A 96 15.37 -20.29 19.65
N THR A 97 15.76 -19.39 18.75
CA THR A 97 14.94 -19.00 17.57
C THR A 97 15.75 -19.30 16.34
N ASN A 98 15.21 -19.10 15.15
CA ASN A 98 15.97 -19.35 13.96
C ASN A 98 16.64 -18.06 13.42
N GLY A 99 16.56 -16.98 14.17
CA GLY A 99 17.06 -15.71 13.61
C GLY A 99 16.15 -14.57 13.93
N LYS A 100 16.65 -13.35 13.92
CA LYS A 100 15.91 -12.20 14.38
C LYS A 100 15.94 -11.10 13.29
N MET A 101 14.83 -10.45 13.00
CA MET A 101 14.75 -9.48 11.90
C MET A 101 14.19 -8.23 12.49
N VAL A 102 14.71 -7.10 12.01
CA VAL A 102 14.12 -5.83 12.37
C VAL A 102 13.42 -5.40 11.11
N ILE A 103 12.17 -4.99 11.23
CA ILE A 103 11.39 -4.72 10.04
C ILE A 103 10.68 -3.44 10.30
N ALA A 104 10.53 -2.65 9.23
CA ALA A 104 9.94 -1.27 9.34
C ALA A 104 9.33 -0.83 8.06
N THR A 105 8.37 0.08 8.19
CA THR A 105 7.93 0.84 7.04
C THR A 105 8.70 2.12 7.03
N VAL A 106 9.12 2.48 5.83
CA VAL A 106 10.18 3.40 5.72
C VAL A 106 9.69 4.82 6.08
N LYS A 107 10.64 5.66 6.47
CA LYS A 107 10.37 7.05 6.81
C LYS A 107 9.45 7.78 5.81
N GLY A 108 8.50 8.54 6.30
CA GLY A 108 7.56 9.16 5.35
C GLY A 108 6.46 8.24 4.82
N ASP A 109 6.50 6.94 5.13
CA ASP A 109 5.49 5.99 4.58
C ASP A 109 4.64 5.39 5.66
N VAL A 110 3.34 5.16 5.36
CA VAL A 110 2.37 4.89 6.41
C VAL A 110 1.77 3.45 6.34
N HIS A 111 1.62 2.92 5.13
CA HIS A 111 0.91 1.68 4.92
C HIS A 111 1.65 0.47 5.40
N ASP A 112 1.05 -0.34 6.28
CA ASP A 112 1.78 -1.51 6.76
C ASP A 112 1.14 -2.87 6.66
N ILE A 113 0.10 -3.06 5.84
CA ILE A 113 -0.57 -4.36 5.79
C ILE A 113 0.39 -5.43 5.32
N GLY A 114 1.06 -5.18 4.19
CA GLY A 114 2.02 -6.13 3.65
C GLY A 114 3.17 -6.49 4.61
N LYS A 115 3.72 -5.50 5.29
CA LYS A 115 4.82 -5.73 6.28
C LYS A 115 4.26 -6.60 7.39
N ASN A 116 3.11 -6.22 7.90
CA ASN A 116 2.38 -7.03 8.90
C ASN A 116 2.33 -8.51 8.53
N ILE A 117 2.03 -8.78 7.27
CA ILE A 117 1.87 -10.15 6.84
C ILE A 117 3.23 -10.81 6.73
N VAL A 118 4.20 -10.18 6.08
CA VAL A 118 5.58 -10.74 6.07
C VAL A 118 6.02 -11.08 7.54
N GLY A 119 5.70 -10.22 8.50
CA GLY A 119 6.15 -10.40 9.88
C GLY A 119 5.46 -11.65 10.45
N VAL A 120 4.14 -11.67 10.44
CA VAL A 120 3.39 -12.81 10.94
C VAL A 120 3.97 -14.10 10.36
N VAL A 121 4.04 -14.21 9.03
CA VAL A 121 4.60 -15.42 8.40
C VAL A 121 5.96 -15.81 8.95
N LEU A 122 6.82 -14.83 9.28
CA LEU A 122 8.17 -15.19 9.69
C LEU A 122 8.15 -15.62 11.17
N GLN A 123 7.21 -15.10 11.94
CA GLN A 123 7.10 -15.53 13.31
C GLN A 123 6.63 -17.01 13.36
N CYS A 124 5.91 -17.46 12.34
CA CYS A 124 5.42 -18.82 12.26
C CYS A 124 6.54 -19.77 11.88
N ASN A 125 7.69 -19.24 11.45
CA ASN A 125 8.84 -20.09 11.11
C ASN A 125 9.94 -19.98 12.17
N ASN A 126 9.50 -19.56 13.35
CA ASN A 126 10.36 -19.34 14.48
C ASN A 126 11.43 -18.27 14.35
N TYR A 127 11.18 -17.20 13.54
CA TYR A 127 11.96 -15.96 13.59
C TYR A 127 11.38 -14.91 14.54
N GLU A 128 12.23 -14.23 15.31
CA GLU A 128 11.78 -13.19 16.19
C GLU A 128 11.71 -11.89 15.39
N ILE A 129 10.65 -11.11 15.54
CA ILE A 129 10.49 -10.05 14.60
C ILE A 129 10.36 -8.79 15.39
N VAL A 130 11.17 -7.80 15.05
CA VAL A 130 11.01 -6.57 15.80
C VAL A 130 10.47 -5.51 14.88
N ASP A 131 9.13 -5.32 14.95
CA ASP A 131 8.38 -4.52 14.00
C ASP A 131 8.37 -3.11 14.54
N LEU A 132 9.06 -2.21 13.83
CA LEU A 132 9.24 -0.86 14.40
C LEU A 132 8.12 0.10 14.02
N GLY A 133 7.19 -0.39 13.21
CA GLY A 133 5.98 0.35 12.93
C GLY A 133 6.22 1.01 11.59
N VAL A 134 5.74 2.27 11.45
CA VAL A 134 5.76 2.98 10.18
C VAL A 134 6.39 4.38 10.37
N MET A 135 6.68 5.06 9.25
CA MET A 135 7.39 6.32 9.19
C MET A 135 8.60 6.20 10.04
N VAL A 136 9.41 5.17 9.80
CA VAL A 136 10.61 4.97 10.64
C VAL A 136 11.95 5.55 10.07
N PRO A 137 12.57 6.41 10.89
CA PRO A 137 13.79 7.08 10.50
C PRO A 137 14.89 6.03 10.33
N ALA A 138 15.64 6.09 9.23
CA ALA A 138 16.86 5.28 9.14
C ALA A 138 17.67 5.17 10.46
N GLU A 139 17.95 6.28 11.17
CA GLU A 139 18.66 6.20 12.46
C GLU A 139 17.93 5.20 13.39
N LYS A 140 16.59 5.20 13.46
CA LYS A 140 15.89 4.35 14.42
C LYS A 140 16.09 2.88 14.09
N ILE A 141 16.13 2.62 12.79
CA ILE A 141 16.27 1.27 12.30
C ILE A 141 17.65 0.72 12.59
N LEU A 142 18.73 1.43 12.23
CA LEU A 142 20.07 0.91 12.48
C LEU A 142 20.36 0.82 13.98
N ARG A 143 19.92 1.79 14.78
CA ARG A 143 20.14 1.72 16.22
C ARG A 143 19.47 0.47 16.78
N THR A 144 18.22 0.22 16.39
CA THR A 144 17.51 -0.94 16.92
C THR A 144 18.21 -2.24 16.49
N ALA A 145 18.64 -2.34 15.23
CA ALA A 145 19.26 -3.57 14.82
C ALA A 145 20.59 -3.80 15.58
N LYS A 146 21.32 -2.74 15.94
CA LYS A 146 22.52 -2.94 16.80
C LYS A 146 22.09 -3.40 18.16
N GLU A 147 21.28 -2.63 18.86
CA GLU A 147 20.92 -2.88 20.26
C GLU A 147 20.31 -4.28 20.50
N VAL A 148 19.87 -4.90 19.42
CA VAL A 148 19.05 -6.10 19.46
C VAL A 148 19.84 -7.23 18.77
N ASN A 149 20.87 -6.86 18.03
CA ASN A 149 21.72 -7.83 17.32
C ASN A 149 21.01 -8.62 16.18
N ALA A 150 20.14 -7.95 15.43
CA ALA A 150 19.41 -8.52 14.30
C ALA A 150 20.34 -9.20 13.33
N ASP A 151 19.85 -10.22 12.65
CA ASP A 151 20.58 -10.88 11.58
C ASP A 151 20.16 -10.31 10.25
N LEU A 152 19.04 -9.60 10.23
CA LEU A 152 18.52 -9.05 8.96
C LEU A 152 17.81 -7.80 9.28
N ILE A 153 17.69 -6.93 8.28
CA ILE A 153 16.82 -5.77 8.33
C ILE A 153 15.84 -5.80 7.14
N GLY A 154 14.57 -5.53 7.37
CA GLY A 154 13.69 -5.53 6.19
C GLY A 154 12.89 -4.24 6.15
N LEU A 155 12.60 -3.75 4.93
CA LEU A 155 12.10 -2.40 4.67
C LEU A 155 10.94 -2.56 3.73
N SER A 156 9.84 -1.89 4.07
CA SER A 156 8.63 -1.88 3.25
C SER A 156 8.28 -0.46 2.87
N GLY A 157 7.75 -0.31 1.64
CA GLY A 157 7.35 0.97 1.06
C GLY A 157 6.23 0.82 0.05
N LEU A 158 5.29 1.73 0.11
CA LEU A 158 4.12 1.70 -0.75
C LEU A 158 4.28 2.63 -1.97
N ILE A 159 4.74 3.85 -1.74
CA ILE A 159 4.83 4.84 -2.79
C ILE A 159 6.29 5.12 -3.18
N THR A 160 6.41 5.55 -4.41
CA THR A 160 7.61 6.03 -5.04
C THR A 160 8.65 6.79 -4.22
N PRO A 161 8.25 7.84 -3.46
CA PRO A 161 9.28 8.45 -2.59
C PRO A 161 9.94 7.47 -1.60
N SER A 162 9.28 6.39 -1.23
CA SER A 162 9.90 5.47 -0.33
C SER A 162 11.09 4.81 -0.96
N LEU A 163 11.19 4.74 -2.29
CA LEU A 163 12.39 4.15 -2.90
C LEU A 163 13.67 4.93 -2.49
N ASP A 164 13.56 6.23 -2.49
CA ASP A 164 14.60 7.06 -2.01
C ASP A 164 14.99 6.79 -0.62
N GLU A 165 14.03 6.62 0.27
CA GLU A 165 14.34 6.31 1.64
C GLU A 165 15.06 4.98 1.73
N MET A 166 14.73 4.03 0.86
CA MET A 166 15.40 2.77 0.96
C MET A 166 16.84 2.84 0.59
N VAL A 167 17.15 3.49 -0.55
CA VAL A 167 18.54 3.83 -0.92
C VAL A 167 19.15 4.60 0.29
N ASN A 168 18.46 5.55 0.90
CA ASN A 168 19.09 6.29 1.99
C ASN A 168 19.46 5.30 3.11
N VAL A 169 18.64 4.26 3.36
CA VAL A 169 18.93 3.28 4.45
C VAL A 169 20.13 2.40 4.10
N ALA A 170 20.12 1.78 2.93
CA ALA A 170 21.30 1.12 2.39
C ALA A 170 22.64 1.92 2.59
N LYS A 171 22.63 3.19 2.20
CA LYS A 171 23.82 4.08 2.29
C LYS A 171 24.27 4.29 3.75
N GLU A 172 23.35 4.58 4.65
CA GLU A 172 23.66 4.66 6.09
C GLU A 172 24.20 3.35 6.67
N MET A 173 23.73 2.21 6.13
CA MET A 173 24.17 0.91 6.61
C MET A 173 25.62 0.76 6.21
N GLU A 174 25.94 1.21 4.99
CA GLU A 174 27.33 1.13 4.50
C GLU A 174 28.20 2.03 5.35
N ARG A 175 27.71 3.25 5.58
CA ARG A 175 28.46 4.24 6.29
C ARG A 175 28.78 3.84 7.76
N GLN A 176 27.94 2.98 8.35
CA GLN A 176 28.17 2.44 9.69
C GLN A 176 28.80 1.04 9.65
N GLY A 177 29.04 0.54 8.46
CA GLY A 177 29.65 -0.73 8.28
C GLY A 177 28.80 -1.94 8.65
N PHE A 178 27.48 -1.84 8.55
CA PHE A 178 26.65 -3.04 8.69
C PHE A 178 27.07 -4.16 7.79
N THR A 179 26.83 -5.38 8.26
CA THR A 179 27.22 -6.57 7.53
C THR A 179 26.05 -7.46 7.17
N ILE A 180 24.93 -7.37 7.92
CA ILE A 180 23.77 -8.28 7.72
C ILE A 180 22.91 -7.93 6.47
N PRO A 181 22.14 -8.89 5.93
CA PRO A 181 21.32 -8.70 4.68
C PRO A 181 20.29 -7.60 4.80
N LEU A 182 20.06 -6.89 3.71
CA LEU A 182 19.02 -5.88 3.74
C LEU A 182 17.93 -6.45 2.87
N LEU A 183 16.74 -6.53 3.45
CA LEU A 183 15.62 -7.09 2.75
C LEU A 183 14.68 -6.01 2.23
N ILE A 184 14.34 -6.07 0.96
CA ILE A 184 13.53 -5.03 0.35
C ILE A 184 12.23 -5.54 -0.26
N GLY A 185 11.11 -4.94 0.13
CA GLY A 185 9.84 -5.26 -0.53
C GLY A 185 8.81 -4.18 -0.38
N GLY A 186 7.61 -4.40 -0.90
CA GLY A 186 6.55 -3.41 -0.79
C GLY A 186 6.02 -3.08 -2.18
N ALA A 187 4.86 -2.45 -2.26
CA ALA A 187 4.20 -2.19 -3.53
C ALA A 187 5.04 -1.40 -4.51
N THR A 188 5.79 -0.37 -4.07
CA THR A 188 6.64 0.33 -5.07
C THR A 188 7.93 -0.36 -5.46
N THR A 189 8.34 -1.40 -4.75
CA THR A 189 9.71 -1.88 -4.94
C THR A 189 9.66 -2.89 -6.07
N SER A 190 10.79 -3.10 -6.73
CA SER A 190 10.94 -4.14 -7.75
C SER A 190 12.40 -4.64 -7.76
N LYS A 191 12.60 -5.80 -8.37
CA LYS A 191 13.93 -6.38 -8.56
C LYS A 191 14.77 -5.48 -9.42
N ALA A 192 14.19 -4.93 -10.48
CA ALA A 192 14.92 -3.99 -11.34
C ALA A 192 15.43 -2.76 -10.59
N HIS A 193 14.57 -2.15 -9.80
CA HIS A 193 15.03 -1.05 -9.00
C HIS A 193 16.00 -1.46 -7.87
N THR A 194 15.91 -2.67 -7.33
CA THR A 194 16.84 -3.01 -6.26
C THR A 194 18.27 -3.09 -6.85
N ALA A 195 18.37 -3.75 -7.99
CA ALA A 195 19.63 -4.08 -8.58
C ALA A 195 20.33 -2.82 -9.15
N VAL A 196 19.57 -1.95 -9.77
CA VAL A 196 20.09 -0.79 -10.44
C VAL A 196 20.37 0.37 -9.47
N LYS A 197 19.56 0.53 -8.41
CA LYS A 197 19.68 1.74 -7.61
C LYS A 197 20.05 1.49 -6.17
N ILE A 198 19.63 0.38 -5.61
CA ILE A 198 19.91 0.11 -4.19
C ILE A 198 21.18 -0.71 -3.92
N GLU A 199 21.28 -1.89 -4.53
CA GLU A 199 22.32 -2.84 -4.17
C GLU A 199 23.78 -2.26 -4.12
N GLN A 200 24.13 -1.47 -5.14
CA GLN A 200 25.50 -0.94 -5.22
C GLN A 200 25.90 -0.09 -4.04
N ASN A 201 24.94 0.38 -3.24
CA ASN A 201 25.20 1.25 -2.08
C ASN A 201 25.56 0.51 -0.80
N TYR A 202 25.58 -0.82 -0.85
CA TYR A 202 25.79 -1.59 0.36
C TYR A 202 26.53 -2.85 0.00
N SER A 203 27.41 -3.26 0.89
CA SER A 203 28.33 -4.32 0.57
C SER A 203 27.97 -5.61 1.27
N GLY A 204 26.97 -5.55 2.18
CA GLY A 204 26.25 -6.71 2.69
C GLY A 204 25.32 -7.05 1.51
N PRO A 205 24.58 -8.15 1.60
CA PRO A 205 23.64 -8.55 0.53
C PRO A 205 22.36 -7.71 0.53
N THR A 206 21.91 -7.27 -0.64
CA THR A 206 20.61 -6.63 -0.73
C THR A 206 19.69 -7.53 -1.54
N VAL A 207 18.53 -7.88 -0.97
CA VAL A 207 17.60 -8.79 -1.64
C VAL A 207 16.19 -8.26 -1.83
N TYR A 208 15.71 -8.19 -3.08
CA TYR A 208 14.30 -7.88 -3.30
C TYR A 208 13.55 -9.14 -3.03
N VAL A 209 12.43 -9.03 -2.32
CA VAL A 209 11.54 -10.18 -2.16
C VAL A 209 10.07 -9.83 -2.48
N GLN A 210 9.43 -10.68 -3.29
CA GLN A 210 8.15 -10.30 -3.96
C GLN A 210 6.95 -10.36 -3.00
N ASN A 211 6.98 -11.34 -2.11
CA ASN A 211 5.82 -11.60 -1.23
C ASN A 211 6.23 -12.32 0.03
N ALA A 212 5.30 -12.45 0.96
CA ALA A 212 5.58 -13.04 2.25
C ALA A 212 6.10 -14.47 2.14
N SER A 213 5.58 -15.18 1.15
CA SER A 213 5.77 -16.59 1.09
C SER A 213 7.19 -16.81 0.68
N ARG A 214 7.62 -16.09 -0.35
CA ARG A 214 8.98 -16.22 -0.83
C ARG A 214 10.00 -15.78 0.23
N THR A 215 9.61 -14.84 1.08
CA THR A 215 10.55 -14.31 2.05
C THR A 215 11.08 -15.42 2.93
N VAL A 216 10.22 -16.40 3.23
CA VAL A 216 10.60 -17.46 4.20
C VAL A 216 11.79 -18.23 3.66
N GLY A 217 11.80 -18.46 2.35
CA GLY A 217 12.86 -19.25 1.79
C GLY A 217 14.08 -18.38 1.64
N VAL A 218 13.90 -17.11 1.36
CA VAL A 218 15.01 -16.19 1.26
C VAL A 218 15.73 -16.08 2.60
N VAL A 219 14.99 -15.82 3.67
CA VAL A 219 15.56 -15.71 4.97
C VAL A 219 16.36 -16.99 5.33
N ALA A 220 15.75 -18.14 5.12
CA ALA A 220 16.42 -19.40 5.43
C ALA A 220 17.70 -19.58 4.59
N ALA A 221 17.62 -19.36 3.29
CA ALA A 221 18.80 -19.44 2.43
C ALA A 221 19.90 -18.52 2.94
N LEU A 222 19.52 -17.37 3.49
CA LEU A 222 20.44 -16.35 4.03
C LEU A 222 20.93 -16.66 5.46
N LEU A 223 20.15 -17.36 6.24
CA LEU A 223 20.65 -17.68 7.56
C LEU A 223 21.19 -19.12 7.65
N SER A 224 21.49 -19.76 6.53
CA SER A 224 22.01 -21.13 6.56
C SER A 224 23.48 -21.12 6.27
N ASP A 225 24.19 -21.95 7.00
CA ASP A 225 25.61 -22.09 6.84
C ASP A 225 26.01 -22.94 5.65
N THR A 226 25.07 -23.47 4.87
CA THR A 226 25.48 -24.14 3.63
C THR A 226 24.90 -23.55 2.34
N GLN A 227 24.13 -22.49 2.44
CA GLN A 227 23.58 -21.89 1.22
C GLN A 227 23.83 -20.39 1.12
N ARG A 228 23.89 -19.73 2.28
CA ARG A 228 24.15 -18.30 2.36
C ARG A 228 24.96 -17.83 1.16
N ASP A 229 26.13 -18.43 1.01
CA ASP A 229 27.12 -17.96 0.10
C ASP A 229 26.71 -18.25 -1.33
N ASP A 230 26.03 -19.38 -1.49
CA ASP A 230 25.65 -19.81 -2.80
C ASP A 230 24.54 -18.89 -3.26
N PHE A 231 23.58 -18.65 -2.36
CA PHE A 231 22.46 -17.76 -2.61
C PHE A 231 22.84 -16.31 -2.90
N VAL A 232 23.75 -15.79 -2.08
CA VAL A 232 24.24 -14.42 -2.25
C VAL A 232 24.91 -14.24 -3.58
N ALA A 233 25.84 -15.13 -3.90
CA ALA A 233 26.49 -15.07 -5.22
C ALA A 233 25.44 -15.02 -6.33
N ARG A 234 24.41 -15.81 -6.16
CA ARG A 234 23.49 -16.10 -7.23
C ARG A 234 22.64 -14.86 -7.48
N THR A 235 22.17 -14.26 -6.37
CA THR A 235 21.41 -13.01 -6.39
C THR A 235 22.22 -11.87 -7.04
N ARG A 236 23.52 -11.83 -6.72
CA ARG A 236 24.40 -10.79 -7.21
C ARG A 236 24.62 -10.93 -8.68
N LYS A 237 24.76 -12.19 -9.11
CA LYS A 237 24.90 -12.51 -10.50
C LYS A 237 23.58 -12.17 -11.21
N GLU A 238 22.44 -12.48 -10.57
CA GLU A 238 21.17 -11.94 -11.06
C GLU A 238 21.11 -10.41 -11.14
N TYR A 239 21.53 -9.71 -10.10
CA TYR A 239 21.42 -8.25 -10.17
C TYR A 239 22.34 -7.61 -11.22
N GLU A 240 23.53 -8.19 -11.42
CA GLU A 240 24.46 -7.80 -12.50
C GLU A 240 23.76 -7.95 -13.85
N THR A 241 23.10 -9.08 -14.07
CA THR A 241 22.41 -9.31 -15.33
C THR A 241 21.35 -8.27 -15.56
N VAL A 242 20.54 -8.05 -14.53
CA VAL A 242 19.44 -7.07 -14.55
C VAL A 242 20.00 -5.68 -14.88
N ARG A 243 21.12 -5.34 -14.26
CA ARG A 243 21.85 -4.08 -14.51
C ARG A 243 22.40 -3.90 -15.93
N ILE A 244 22.82 -4.96 -16.61
CA ILE A 244 23.32 -4.80 -17.97
C ILE A 244 22.17 -4.86 -18.96
N GLN A 245 21.15 -5.64 -18.63
CA GLN A 245 19.91 -5.70 -19.38
C GLN A 245 19.30 -4.28 -19.47
N HIS A 246 18.59 -3.80 -18.45
CA HIS A 246 18.13 -2.40 -18.41
C HIS A 246 19.28 -1.45 -18.71
N GLY A 247 20.47 -1.85 -18.27
CA GLY A 247 21.73 -1.09 -18.42
C GLY A 247 21.93 -0.29 -19.68
N ARG A 248 21.64 -0.89 -20.83
CA ARG A 248 21.45 -0.16 -22.10
C ARG A 248 19.94 -0.04 -22.38
N LYS A 249 19.47 1.19 -22.20
CA LYS A 249 18.03 1.54 -22.12
C LYS A 249 17.19 0.96 -23.28
N LYS A 250 17.16 -0.39 -23.28
CA LYS A 250 16.23 -1.26 -24.04
C LYS A 250 15.29 -0.50 -25.02
N PRO A 251 15.06 -1.06 -26.25
CA PRO A 251 14.29 -0.35 -27.31
C PRO A 251 13.31 0.76 -26.82
N ARG A 252 13.87 1.94 -26.54
CA ARG A 252 13.12 3.10 -26.07
C ARG A 252 12.50 3.79 -27.30
N THR A 253 11.30 4.38 -27.12
CA THR A 253 10.70 5.23 -28.16
C THR A 253 11.56 6.51 -28.25
N PRO A 254 11.50 7.24 -29.39
CA PRO A 254 12.21 8.51 -29.35
C PRO A 254 11.47 9.64 -28.57
N PRO A 255 12.22 10.46 -27.82
CA PRO A 255 11.66 11.62 -27.13
C PRO A 255 11.28 12.77 -28.07
N VAL A 256 10.69 13.82 -27.49
CA VAL A 256 10.27 15.00 -28.21
C VAL A 256 10.52 16.21 -27.34
N THR A 257 10.71 17.38 -27.97
CA THR A 257 10.79 18.66 -27.26
C THR A 257 9.49 18.91 -26.49
N LEU A 258 9.56 19.65 -25.40
CA LEU A 258 8.34 19.96 -24.68
C LEU A 258 7.40 20.73 -25.60
N GLU A 259 7.95 21.60 -26.45
CA GLU A 259 7.16 22.46 -27.30
C GLU A 259 6.47 21.67 -28.45
N ALA A 260 7.15 20.63 -28.96
CA ALA A 260 6.50 19.75 -29.90
C ALA A 260 5.43 18.89 -29.21
N ALA A 261 5.63 18.51 -27.93
CA ALA A 261 4.57 17.77 -27.18
C ALA A 261 3.32 18.63 -27.05
N ARG A 262 3.52 19.89 -26.67
CA ARG A 262 2.39 20.80 -26.45
C ARG A 262 1.69 21.18 -27.74
N ASP A 263 2.40 21.12 -28.83
CA ASP A 263 1.79 21.40 -30.10
C ASP A 263 0.92 20.21 -30.53
N ASN A 264 1.29 18.99 -30.12
CA ASN A 264 0.44 17.82 -30.36
C ASN A 264 -0.49 17.50 -29.16
N ASP A 265 -1.04 18.52 -28.50
CA ASP A 265 -2.00 18.31 -27.41
C ASP A 265 -3.33 17.69 -27.90
N PHE A 266 -4.17 17.22 -26.97
CA PHE A 266 -5.54 16.71 -27.26
C PHE A 266 -6.29 17.70 -28.17
N ALA A 267 -6.60 17.22 -29.37
CA ALA A 267 -7.28 17.97 -30.44
C ALA A 267 -8.77 17.94 -30.16
N PHE A 268 -9.31 19.06 -29.76
CA PHE A 268 -10.71 19.07 -29.43
C PHE A 268 -11.33 20.36 -29.88
N ASP A 269 -12.63 20.36 -30.11
CA ASP A 269 -13.25 21.60 -30.61
C ASP A 269 -13.99 22.33 -29.49
N TRP A 270 -13.29 23.19 -28.79
CA TRP A 270 -13.89 23.75 -27.59
C TRP A 270 -15.08 24.62 -27.89
N GLN A 271 -15.13 25.23 -29.08
CA GLN A 271 -16.17 26.23 -29.35
C GLN A 271 -17.53 25.62 -29.58
N ALA A 272 -17.55 24.38 -30.04
CA ALA A 272 -18.77 23.57 -30.08
C ALA A 272 -19.14 22.86 -28.80
N TYR A 273 -18.32 22.90 -27.74
CA TYR A 273 -18.65 22.06 -26.57
C TYR A 273 -19.16 22.90 -25.44
N THR A 274 -20.06 22.40 -24.62
CA THR A 274 -20.34 23.15 -23.43
C THR A 274 -20.10 22.26 -22.23
N PRO A 275 -18.96 22.49 -21.51
CA PRO A 275 -18.66 21.64 -20.36
C PRO A 275 -19.86 21.63 -19.44
N PRO A 276 -20.20 20.48 -18.79
CA PRO A 276 -21.33 20.45 -17.81
C PRO A 276 -20.94 21.38 -16.67
N VAL A 277 -21.94 22.05 -16.09
CA VAL A 277 -21.79 23.16 -15.13
C VAL A 277 -22.04 22.58 -13.75
N ALA A 278 -21.09 22.67 -12.84
CA ALA A 278 -21.26 22.03 -11.55
C ALA A 278 -22.55 22.48 -10.85
N HIS A 279 -23.45 21.57 -10.57
CA HIS A 279 -24.58 21.98 -9.74
C HIS A 279 -24.13 22.70 -8.48
N ARG A 280 -23.10 22.27 -7.77
CA ARG A 280 -22.70 22.93 -6.53
C ARG A 280 -21.29 23.40 -6.68
N LEU A 281 -20.86 24.43 -5.97
CA LEU A 281 -19.40 24.77 -5.96
C LEU A 281 -19.02 24.93 -4.52
N GLY A 282 -17.72 24.88 -4.16
CA GLY A 282 -17.30 25.03 -2.78
C GLY A 282 -16.80 23.72 -2.18
N VAL A 283 -16.58 23.68 -0.85
CA VAL A 283 -16.01 22.57 -0.11
C VAL A 283 -17.02 22.08 0.93
N GLN A 284 -17.15 20.78 1.03
CA GLN A 284 -18.04 20.21 1.99
C GLN A 284 -17.34 18.98 2.52
N GLU A 285 -17.36 18.88 3.82
CA GLU A 285 -17.07 17.72 4.54
C GLU A 285 -18.19 16.73 4.40
N VAL A 286 -17.81 15.46 4.43
CA VAL A 286 -18.74 14.40 4.19
C VAL A 286 -18.53 13.21 5.13
N GLU A 287 -19.57 12.42 5.32
CA GLU A 287 -19.40 11.17 6.08
C GLU A 287 -20.34 10.22 5.43
N ALA A 288 -20.07 8.93 5.60
CA ALA A 288 -20.92 7.90 5.01
C ALA A 288 -20.78 6.75 5.99
N SER A 289 -21.90 6.11 6.29
CA SER A 289 -21.95 5.06 7.31
C SER A 289 -21.34 3.82 6.68
N ILE A 290 -20.98 2.92 7.55
CA ILE A 290 -20.53 1.65 7.04
C ILE A 290 -21.72 0.98 6.32
N GLU A 291 -22.98 1.17 6.76
CA GLU A 291 -24.10 0.55 6.02
C GLU A 291 -24.17 1.08 4.60
N THR A 292 -23.95 2.36 4.42
CA THR A 292 -23.97 2.83 3.06
C THR A 292 -22.83 2.27 2.24
N LEU A 293 -21.66 2.28 2.82
CA LEU A 293 -20.45 2.11 2.04
C LEU A 293 -20.22 0.66 1.75
N ARG A 294 -20.73 -0.26 2.57
CA ARG A 294 -20.43 -1.69 2.31
C ARG A 294 -20.91 -2.12 0.93
N ASN A 295 -22.01 -1.56 0.44
CA ASN A 295 -22.51 -1.92 -0.92
C ASN A 295 -21.58 -1.47 -2.05
N TYR A 296 -20.56 -0.66 -1.72
CA TYR A 296 -19.74 -0.11 -2.75
C TYR A 296 -18.35 -0.78 -2.64
N ILE A 297 -18.26 -1.80 -1.80
CA ILE A 297 -16.95 -2.40 -1.55
C ILE A 297 -16.47 -3.22 -2.72
N ASP A 298 -15.19 -3.05 -3.05
CA ASP A 298 -14.64 -3.91 -4.05
C ASP A 298 -13.90 -4.98 -3.34
N TRP A 299 -14.52 -6.14 -3.25
CA TRP A 299 -13.96 -7.28 -2.46
C TRP A 299 -12.71 -7.96 -3.03
N THR A 300 -12.46 -7.82 -4.32
CA THR A 300 -11.33 -8.48 -4.97
C THR A 300 -9.96 -8.07 -4.42
N PRO A 301 -9.62 -6.77 -4.33
CA PRO A 301 -8.34 -6.47 -3.71
C PRO A 301 -8.27 -6.97 -2.30
N PHE A 302 -9.41 -7.21 -1.64
CA PHE A 302 -9.35 -7.71 -0.25
C PHE A 302 -8.91 -9.15 -0.19
N PHE A 303 -9.54 -9.99 -1.03
CA PHE A 303 -9.14 -11.40 -1.21
C PHE A 303 -7.73 -11.44 -1.64
N MET A 304 -7.37 -10.53 -2.55
CA MET A 304 -5.98 -10.46 -3.04
C MET A 304 -5.00 -10.16 -1.89
N THR A 305 -5.35 -9.24 -1.05
CA THR A 305 -4.55 -8.94 0.13
C THR A 305 -4.37 -10.18 1.02
N TRP A 306 -5.41 -11.04 1.15
CA TRP A 306 -5.31 -12.23 2.01
C TRP A 306 -4.70 -13.40 1.27
N SER A 307 -4.14 -13.04 0.14
CA SER A 307 -3.49 -13.93 -0.71
C SER A 307 -4.34 -15.15 -1.11
N LEU A 308 -5.59 -14.88 -1.49
CA LEU A 308 -6.48 -15.82 -2.14
C LEU A 308 -6.77 -15.31 -3.55
N ALA A 309 -6.33 -16.00 -4.58
CA ALA A 309 -6.50 -15.49 -5.97
C ALA A 309 -7.90 -15.71 -6.45
N GLY A 310 -8.38 -14.88 -7.36
CA GLY A 310 -9.80 -14.94 -7.84
C GLY A 310 -10.55 -13.61 -7.60
N LYS A 311 -11.68 -13.47 -8.29
CA LYS A 311 -12.47 -12.24 -8.34
C LYS A 311 -13.80 -12.44 -7.66
N TYR A 312 -14.28 -11.45 -6.91
CA TYR A 312 -15.54 -11.62 -6.19
C TYR A 312 -16.75 -11.38 -7.14
N PRO A 313 -17.89 -12.08 -7.02
CA PRO A 313 -18.47 -13.15 -6.16
C PRO A 313 -17.93 -14.57 -6.44
N ARG A 314 -17.27 -14.78 -7.58
CA ARG A 314 -16.96 -16.15 -8.06
C ARG A 314 -15.93 -16.85 -7.26
N ILE A 315 -14.99 -16.11 -6.73
CA ILE A 315 -14.03 -16.68 -5.79
C ILE A 315 -14.71 -17.54 -4.75
N LEU A 316 -15.91 -17.16 -4.28
CA LEU A 316 -16.63 -17.96 -3.27
C LEU A 316 -16.98 -19.41 -3.71
N GLU A 317 -17.06 -19.62 -5.02
CA GLU A 317 -17.44 -20.92 -5.52
C GLU A 317 -16.18 -21.65 -5.93
N ASP A 318 -15.01 -21.02 -5.86
CA ASP A 318 -13.84 -21.65 -6.49
C ASP A 318 -13.52 -22.96 -5.83
N GLU A 319 -13.20 -23.93 -6.66
CA GLU A 319 -13.00 -25.29 -6.13
C GLU A 319 -11.85 -25.42 -5.13
N VAL A 320 -10.84 -24.55 -5.25
CA VAL A 320 -9.66 -24.61 -4.36
C VAL A 320 -9.76 -23.70 -3.11
N VAL A 321 -9.85 -22.37 -3.31
CA VAL A 321 -9.92 -21.36 -2.24
C VAL A 321 -11.31 -20.92 -1.78
N GLY A 322 -12.35 -21.46 -2.42
CA GLY A 322 -13.74 -20.99 -2.18
C GLY A 322 -14.23 -21.09 -0.73
N VAL A 323 -14.00 -22.22 -0.08
CA VAL A 323 -14.39 -22.39 1.30
C VAL A 323 -13.64 -21.35 2.13
N GLU A 324 -12.34 -21.17 1.94
CA GLU A 324 -11.63 -20.19 2.73
C GLU A 324 -12.04 -18.75 2.33
N ALA A 325 -12.43 -18.52 1.07
CA ALA A 325 -12.77 -17.19 0.64
C ALA A 325 -14.07 -16.86 1.35
N GLN A 326 -14.91 -17.88 1.50
CA GLN A 326 -16.20 -17.67 2.17
C GLN A 326 -16.07 -17.35 3.62
N ARG A 327 -15.19 -18.02 4.34
CA ARG A 327 -14.99 -17.81 5.79
C ARG A 327 -14.26 -16.49 6.10
N LEU A 328 -13.26 -16.18 5.25
CA LEU A 328 -12.62 -14.84 5.22
C LEU A 328 -13.71 -13.79 5.04
N PHE A 329 -14.55 -13.93 4.03
CA PHE A 329 -15.63 -12.98 3.79
C PHE A 329 -16.66 -12.92 4.93
N LYS A 330 -16.94 -14.07 5.57
CA LYS A 330 -17.91 -14.07 6.67
C LYS A 330 -17.29 -13.36 7.92
N ASP A 331 -16.05 -13.65 8.24
CA ASP A 331 -15.31 -12.90 9.26
C ASP A 331 -15.33 -11.37 8.97
N ALA A 332 -15.14 -10.97 7.71
CA ALA A 332 -15.03 -9.58 7.32
C ALA A 332 -16.35 -8.96 7.51
N ASN A 333 -17.42 -9.62 7.03
CA ASN A 333 -18.77 -9.08 7.28
C ASN A 333 -19.18 -9.02 8.75
N ASP A 334 -18.76 -9.97 9.60
CA ASP A 334 -19.07 -9.88 11.03
C ASP A 334 -18.30 -8.70 11.61
N MET A 335 -17.05 -8.52 11.26
CA MET A 335 -16.35 -7.35 11.72
C MET A 335 -16.99 -6.03 11.30
N LEU A 336 -17.41 -5.96 10.06
CA LEU A 336 -18.10 -4.77 9.60
C LEU A 336 -19.34 -4.54 10.40
N ASP A 337 -20.09 -5.61 10.71
CA ASP A 337 -21.34 -5.46 11.42
C ASP A 337 -21.06 -4.87 12.81
N LYS A 338 -20.00 -5.30 13.51
CA LYS A 338 -19.68 -4.71 14.87
C LYS A 338 -19.25 -3.26 14.76
N LEU A 339 -18.35 -2.96 13.84
CA LEU A 339 -17.79 -1.61 13.70
C LEU A 339 -18.92 -0.60 13.43
N SER A 340 -19.89 -1.10 12.65
CA SER A 340 -21.01 -0.35 12.16
C SER A 340 -22.09 -0.20 13.22
N ALA A 341 -22.43 -1.27 13.91
CA ALA A 341 -23.29 -1.18 15.10
C ALA A 341 -22.70 -0.36 16.24
N GLU A 342 -21.40 -0.48 16.52
CA GLU A 342 -20.82 0.22 17.65
C GLU A 342 -20.26 1.62 17.28
N LYS A 343 -20.17 1.98 16.00
CA LYS A 343 -19.67 3.32 15.62
C LYS A 343 -18.21 3.58 16.04
N THR A 344 -17.39 2.51 15.98
CA THR A 344 -15.98 2.55 16.34
C THR A 344 -15.07 2.77 15.12
N LEU A 345 -15.64 2.75 13.90
CA LEU A 345 -14.77 3.20 12.81
C LEU A 345 -15.67 4.00 11.94
N ASN A 346 -15.28 5.26 11.75
CA ASN A 346 -16.17 6.21 11.12
C ASN A 346 -15.58 6.86 9.87
N PRO A 347 -15.96 6.32 8.70
CA PRO A 347 -15.40 6.78 7.44
C PRO A 347 -15.68 8.25 7.26
N ARG A 348 -14.79 9.02 6.66
CA ARG A 348 -14.98 10.45 6.61
C ARG A 348 -14.21 10.97 5.43
N GLY A 349 -14.63 12.12 4.88
CA GLY A 349 -13.81 12.77 3.91
C GLY A 349 -14.20 14.22 3.71
N VAL A 350 -13.66 14.83 2.65
CA VAL A 350 -13.98 16.16 2.28
C VAL A 350 -14.08 16.22 0.75
N VAL A 351 -15.04 16.98 0.20
CA VAL A 351 -15.15 17.03 -1.30
C VAL A 351 -15.21 18.44 -1.75
N GLY A 352 -14.72 18.79 -2.96
CA GLY A 352 -14.93 20.16 -3.44
C GLY A 352 -15.05 20.35 -4.92
N LEU A 353 -15.83 21.34 -5.36
CA LEU A 353 -15.86 21.69 -6.83
C LEU A 353 -15.58 23.19 -7.00
N PHE A 354 -14.84 23.52 -8.08
CA PHE A 354 -14.28 24.86 -8.31
C PHE A 354 -14.34 25.29 -9.78
N PRO A 355 -14.60 26.61 -10.04
CA PRO A 355 -14.47 27.00 -11.43
C PRO A 355 -12.99 26.92 -11.79
N ALA A 356 -12.70 26.53 -13.03
CA ALA A 356 -11.34 26.35 -13.43
C ALA A 356 -11.26 26.34 -14.93
N ASN A 357 -10.02 26.46 -15.42
CA ASN A 357 -9.71 26.49 -16.82
C ASN A 357 -8.22 26.17 -16.99
N ARG A 358 -7.89 25.49 -18.10
CA ARG A 358 -6.56 25.18 -18.45
C ARG A 358 -5.79 26.42 -18.87
N VAL A 359 -4.57 26.60 -18.38
CA VAL A 359 -3.59 27.42 -19.07
C VAL A 359 -2.31 26.59 -19.23
N GLY A 360 -1.87 26.36 -20.47
CA GLY A 360 -0.66 25.57 -20.73
C GLY A 360 -0.89 24.15 -20.22
N ASP A 361 0.10 23.56 -19.56
CA ASP A 361 -0.07 22.21 -19.02
C ASP A 361 -0.67 22.16 -17.59
N ASP A 362 -1.11 23.31 -17.06
CA ASP A 362 -1.75 23.40 -15.71
C ASP A 362 -3.22 23.79 -15.73
N ILE A 363 -3.88 23.64 -14.60
CA ILE A 363 -5.25 24.02 -14.47
C ILE A 363 -5.37 25.16 -13.46
N GLU A 364 -5.82 26.32 -13.91
CA GLU A 364 -6.03 27.44 -13.02
C GLU A 364 -7.32 27.29 -12.27
N ILE A 365 -7.31 27.58 -10.95
CA ILE A 365 -8.49 27.39 -10.10
C ILE A 365 -8.96 28.70 -9.47
N TYR A 366 -10.25 29.10 -9.68
CA TYR A 366 -10.66 30.47 -9.34
C TYR A 366 -11.51 30.55 -8.12
N ARG A 367 -11.48 31.71 -7.46
CA ARG A 367 -12.28 31.89 -6.22
C ARG A 367 -13.80 31.79 -6.44
N ASP A 368 -14.29 32.17 -7.63
CA ASP A 368 -15.77 32.20 -7.90
C ASP A 368 -16.05 32.34 -9.38
N GLU A 369 -17.32 32.50 -9.80
CA GLU A 369 -17.59 32.36 -11.24
C GLU A 369 -17.23 33.59 -12.00
N THR A 370 -16.76 34.65 -11.34
CA THR A 370 -16.23 35.78 -12.13
C THR A 370 -14.86 35.40 -12.74
N ARG A 371 -14.20 34.40 -12.17
CA ARG A 371 -12.89 33.92 -12.67
C ARG A 371 -11.79 35.00 -12.73
N THR A 372 -11.70 35.85 -11.72
CA THR A 372 -10.70 36.93 -11.70
C THR A 372 -9.67 36.79 -10.58
N HIS A 373 -9.87 35.90 -9.63
CA HIS A 373 -8.87 35.67 -8.63
C HIS A 373 -8.61 34.19 -8.65
N VAL A 374 -7.33 33.85 -8.72
CA VAL A 374 -6.83 32.49 -8.83
C VAL A 374 -6.40 32.11 -7.44
N ILE A 375 -7.10 31.13 -6.85
CA ILE A 375 -6.85 30.63 -5.52
C ILE A 375 -5.80 29.52 -5.46
N ASN A 376 -5.56 28.83 -6.57
CA ASN A 376 -4.52 27.81 -6.53
C ASN A 376 -4.39 27.34 -7.95
N VAL A 377 -3.37 26.50 -8.21
CA VAL A 377 -3.10 25.99 -9.51
C VAL A 377 -2.86 24.45 -9.34
N SER A 378 -3.49 23.65 -10.19
CA SER A 378 -3.21 22.22 -10.26
C SER A 378 -2.16 22.05 -11.36
N HIS A 379 -0.93 21.61 -11.02
CA HIS A 379 0.04 21.42 -12.09
C HIS A 379 -0.03 20.02 -12.66
N HIS A 380 0.18 19.91 -13.98
CA HIS A 380 0.30 18.59 -14.62
C HIS A 380 1.43 18.49 -15.65
N LEU A 381 1.81 17.24 -15.98
CA LEU A 381 2.84 16.87 -16.93
C LEU A 381 2.24 16.40 -18.27
N ARG A 382 3.05 16.47 -19.32
CA ARG A 382 2.58 16.06 -20.64
C ARG A 382 3.41 14.85 -21.10
N GLN A 383 2.76 13.85 -21.65
CA GLN A 383 3.52 12.75 -22.28
C GLN A 383 4.50 13.34 -23.26
N GLN A 384 5.75 12.85 -23.24
CA GLN A 384 6.81 13.41 -24.06
C GLN A 384 7.50 12.43 -25.02
N THR A 385 6.83 11.35 -25.38
CA THR A 385 7.35 10.42 -26.36
C THR A 385 6.84 10.82 -27.69
N GLU A 386 7.38 10.22 -28.75
CA GLU A 386 6.90 10.49 -30.11
C GLU A 386 5.64 9.71 -30.37
N LYS A 387 4.66 10.39 -30.98
CA LYS A 387 3.29 9.89 -31.10
C LYS A 387 2.85 9.77 -32.54
N THR A 388 2.21 8.66 -32.86
CA THR A 388 1.68 8.46 -34.20
C THR A 388 0.15 8.57 -34.20
N GLY A 389 -0.33 9.74 -34.60
CA GLY A 389 -1.77 10.01 -34.67
C GLY A 389 -2.33 10.60 -33.38
N PHE A 390 -2.07 9.89 -32.29
CA PHE A 390 -2.55 10.30 -30.97
C PHE A 390 -1.94 11.61 -30.47
N ALA A 391 -2.67 12.27 -29.57
CA ALA A 391 -2.16 13.45 -28.86
C ALA A 391 -1.02 13.01 -27.93
N ASN A 392 -0.09 13.90 -27.57
CA ASN A 392 0.78 13.72 -26.41
C ASN A 392 -0.08 14.29 -25.28
N TYR A 393 -0.80 13.43 -24.59
CA TYR A 393 -1.75 13.85 -23.59
C TYR A 393 -1.24 14.57 -22.35
N CYS A 394 -2.09 15.39 -21.76
CA CYS A 394 -1.81 15.95 -20.46
C CYS A 394 -3.15 16.10 -19.87
N LEU A 395 -3.27 15.84 -18.58
CA LEU A 395 -4.65 15.86 -17.98
C LEU A 395 -5.32 17.24 -18.09
N ALA A 396 -4.52 18.31 -18.15
CA ALA A 396 -5.08 19.67 -18.20
C ALA A 396 -5.91 19.82 -19.47
N ASP A 397 -5.45 19.15 -20.52
CA ASP A 397 -6.10 19.13 -21.82
C ASP A 397 -7.56 18.88 -21.66
N PHE A 398 -8.00 18.19 -20.61
CA PHE A 398 -9.44 17.90 -20.55
C PHE A 398 -10.24 18.94 -19.95
N VAL A 399 -9.64 20.12 -19.77
CA VAL A 399 -10.39 21.22 -19.14
C VAL A 399 -10.43 22.41 -20.07
N ALA A 400 -11.56 23.10 -20.18
CA ALA A 400 -11.66 24.22 -21.23
C ALA A 400 -10.49 25.18 -21.09
N PRO A 401 -9.72 25.39 -22.16
CA PRO A 401 -8.63 26.42 -22.08
C PRO A 401 -9.25 27.76 -21.65
N LYS A 402 -8.49 28.60 -20.97
CA LYS A 402 -9.05 29.86 -20.48
C LYS A 402 -9.47 30.74 -21.66
N LEU A 403 -8.71 30.66 -22.74
CA LEU A 403 -8.97 31.50 -23.90
C LEU A 403 -10.14 31.04 -24.73
N SER A 404 -10.77 29.90 -24.40
CA SER A 404 -11.98 29.47 -25.12
C SER A 404 -13.17 30.29 -24.67
N GLY A 405 -13.03 30.94 -23.50
CA GLY A 405 -14.17 31.54 -22.85
C GLY A 405 -15.22 30.55 -22.36
N LYS A 406 -14.90 29.27 -22.28
CA LYS A 406 -15.90 28.33 -21.75
C LYS A 406 -15.72 28.13 -20.22
N ALA A 407 -16.81 28.15 -19.50
CA ALA A 407 -16.82 27.87 -18.10
C ALA A 407 -16.62 26.40 -17.91
N ASP A 408 -15.48 26.05 -17.29
CA ASP A 408 -15.24 24.69 -16.81
C ASP A 408 -14.99 24.63 -15.28
N TYR A 409 -14.80 23.39 -14.76
CA TYR A 409 -14.81 23.12 -13.30
C TYR A 409 -13.83 22.05 -12.98
N ILE A 410 -13.42 21.98 -11.74
CA ILE A 410 -12.60 20.83 -11.32
C ILE A 410 -12.96 20.45 -9.90
N GLY A 411 -12.86 19.18 -9.61
CA GLY A 411 -13.21 18.67 -8.29
C GLY A 411 -11.94 18.11 -7.62
N ALA A 412 -11.99 17.91 -6.29
CA ALA A 412 -10.93 17.19 -5.57
C ALA A 412 -11.68 16.51 -4.45
N PHE A 413 -11.06 15.46 -3.89
CA PHE A 413 -11.63 14.78 -2.71
C PHE A 413 -10.49 14.15 -1.94
N ALA A 414 -10.75 13.83 -0.65
CA ALA A 414 -9.83 13.06 0.21
C ALA A 414 -10.79 12.36 1.15
N VAL A 415 -10.62 11.06 1.28
CA VAL A 415 -11.54 10.23 2.03
C VAL A 415 -10.73 9.18 2.74
N THR A 416 -11.28 8.68 3.86
CA THR A 416 -10.63 7.77 4.71
C THR A 416 -11.64 6.83 5.26
N GLY A 417 -11.17 5.64 5.48
CA GLY A 417 -12.07 4.59 5.94
C GLY A 417 -12.30 4.83 7.42
N GLY A 418 -11.42 5.60 8.07
CA GLY A 418 -11.75 6.11 9.38
C GLY A 418 -10.57 6.39 10.28
N LEU A 419 -10.69 7.40 11.13
CA LEU A 419 -9.48 7.82 11.85
C LEU A 419 -9.10 6.83 12.97
N GLU A 420 -10.05 5.97 13.32
CA GLU A 420 -9.85 5.02 14.38
C GLU A 420 -8.95 3.88 13.98
N GLU A 421 -8.60 3.82 12.68
CA GLU A 421 -7.96 2.60 12.15
C GLU A 421 -6.71 2.21 13.01
N ASP A 422 -5.80 3.15 13.25
CA ASP A 422 -4.60 2.82 14.04
C ASP A 422 -5.02 2.34 15.45
N ALA A 423 -5.96 3.04 16.10
CA ALA A 423 -6.36 2.67 17.49
C ALA A 423 -6.92 1.22 17.57
N LEU A 424 -7.81 0.89 16.64
CA LEU A 424 -8.40 -0.44 16.54
C LEU A 424 -7.27 -1.45 16.32
N ALA A 425 -6.38 -1.16 15.40
CA ALA A 425 -5.29 -2.07 15.14
C ALA A 425 -4.37 -2.32 16.37
N ASP A 426 -4.10 -1.29 17.16
CA ASP A 426 -3.25 -1.41 18.34
C ASP A 426 -3.92 -2.27 19.40
N ALA A 427 -5.23 -2.10 19.52
CA ALA A 427 -6.04 -2.89 20.46
C ALA A 427 -5.82 -4.38 20.15
N PHE A 428 -5.94 -4.77 18.87
CA PHE A 428 -5.73 -6.16 18.47
C PHE A 428 -4.28 -6.60 18.56
N GLU A 429 -3.34 -5.69 18.31
CA GLU A 429 -1.94 -6.00 18.49
C GLU A 429 -1.79 -6.29 19.98
N ALA A 430 -2.39 -5.46 20.81
CA ALA A 430 -2.22 -5.59 22.26
C ALA A 430 -2.72 -6.97 22.67
N GLN A 431 -3.76 -7.48 22.02
CA GLN A 431 -4.29 -8.79 22.40
C GLN A 431 -3.64 -9.96 21.65
N HIS A 432 -2.53 -9.70 20.96
CA HIS A 432 -1.79 -10.73 20.21
C HIS A 432 -2.57 -11.36 19.04
N ASP A 433 -3.53 -10.58 18.54
CA ASP A 433 -4.49 -11.07 17.61
C ASP A 433 -4.16 -10.46 16.28
N ASP A 434 -3.28 -11.11 15.52
CA ASP A 434 -2.94 -10.58 14.19
C ASP A 434 -4.05 -10.75 13.08
N TYR A 435 -4.96 -11.70 13.24
CA TYR A 435 -6.01 -11.95 12.22
C TYR A 435 -6.90 -10.73 12.21
N ASN A 436 -7.35 -10.32 13.37
CA ASN A 436 -8.15 -9.12 13.45
C ASN A 436 -7.43 -7.81 13.25
N LYS A 437 -6.16 -7.70 13.66
CA LYS A 437 -5.35 -6.53 13.28
C LYS A 437 -5.21 -6.33 11.76
N ILE A 438 -4.98 -7.37 10.99
CA ILE A 438 -4.86 -7.22 9.56
C ILE A 438 -6.25 -7.08 8.93
N MET A 439 -7.26 -7.68 9.54
CA MET A 439 -8.64 -7.59 9.09
C MET A 439 -9.18 -6.16 9.13
N VAL A 440 -8.91 -5.43 10.24
CA VAL A 440 -9.54 -4.13 10.39
C VAL A 440 -8.83 -3.14 9.46
N LYS A 441 -7.50 -3.29 9.32
CA LYS A 441 -6.73 -2.42 8.49
C LYS A 441 -7.18 -2.70 7.05
N ALA A 442 -7.31 -3.97 6.65
CA ALA A 442 -7.73 -4.26 5.28
C ALA A 442 -9.19 -3.82 5.04
N LEU A 443 -10.02 -3.82 6.08
CA LEU A 443 -11.39 -3.39 5.94
C LEU A 443 -11.45 -1.87 5.82
N ALA A 444 -10.64 -1.17 6.65
CA ALA A 444 -10.57 0.29 6.58
C ALA A 444 -10.22 0.71 5.14
N ASP A 445 -9.22 0.07 4.52
CA ASP A 445 -8.85 0.29 3.10
C ASP A 445 -10.02 0.01 2.16
N ARG A 446 -10.79 -1.07 2.40
CA ARG A 446 -11.97 -1.38 1.52
C ARG A 446 -12.93 -0.20 1.74
N LEU A 447 -13.03 0.29 2.98
CA LEU A 447 -13.92 1.47 3.23
C LEU A 447 -13.45 2.76 2.59
N ALA A 448 -12.16 3.05 2.60
CA ALA A 448 -11.68 4.27 1.95
C ALA A 448 -12.06 4.19 0.41
N GLU A 449 -11.76 3.05 -0.21
CA GLU A 449 -12.00 2.91 -1.69
C GLU A 449 -13.49 2.94 -2.01
N ALA A 450 -14.28 2.30 -1.18
CA ALA A 450 -15.75 2.32 -1.31
C ALA A 450 -16.27 3.74 -1.18
N PHE A 451 -15.67 4.49 -0.24
CA PHE A 451 -16.04 5.94 -0.09
C PHE A 451 -15.64 6.64 -1.35
N ALA A 452 -14.43 6.48 -1.86
CA ALA A 452 -14.05 7.14 -3.06
C ALA A 452 -15.03 6.83 -4.26
N GLU A 453 -15.48 5.58 -4.43
CA GLU A 453 -16.51 5.19 -5.52
C GLU A 453 -17.87 5.84 -5.27
N TYR A 454 -18.35 5.71 -4.03
CA TYR A 454 -19.60 6.29 -3.61
C TYR A 454 -19.62 7.79 -3.83
N LEU A 455 -18.58 8.46 -3.32
CA LEU A 455 -18.55 9.87 -3.36
C LEU A 455 -18.40 10.37 -4.82
N HIS A 456 -17.57 9.69 -5.59
CA HIS A 456 -17.47 10.01 -7.01
C HIS A 456 -18.88 9.93 -7.63
N GLU A 457 -19.62 8.83 -7.41
CA GLU A 457 -20.96 8.68 -7.91
C GLU A 457 -21.83 9.85 -7.45
N ARG A 458 -21.71 10.28 -6.15
CA ARG A 458 -22.53 11.41 -5.66
C ARG A 458 -22.19 12.62 -6.47
N VAL A 459 -20.95 12.70 -6.89
CA VAL A 459 -20.52 13.86 -7.59
C VAL A 459 -21.06 13.82 -9.04
N ARG A 460 -21.08 12.66 -9.68
CA ARG A 460 -21.58 12.57 -11.05
C ARG A 460 -23.02 12.89 -11.02
N LYS A 461 -23.70 12.43 -10.02
CA LYS A 461 -25.14 12.46 -10.06
C LYS A 461 -25.67 13.76 -9.48
N VAL A 462 -24.95 14.32 -8.50
CA VAL A 462 -25.52 15.40 -7.70
C VAL A 462 -24.62 16.65 -7.66
N TYR A 463 -23.49 16.64 -6.95
CA TYR A 463 -22.71 17.87 -6.79
C TYR A 463 -22.25 18.51 -8.10
N TRP A 464 -21.74 17.69 -9.00
CA TRP A 464 -21.42 18.18 -10.30
C TRP A 464 -22.76 18.01 -11.13
N GLY A 465 -23.30 16.79 -11.24
CA GLY A 465 -24.70 16.60 -11.57
C GLY A 465 -24.84 16.45 -13.06
N TYR A 466 -23.82 15.96 -13.75
CA TYR A 466 -23.98 15.78 -15.20
C TYR A 466 -24.50 14.38 -15.62
N ALA A 467 -24.87 13.55 -14.63
CA ALA A 467 -25.41 12.23 -14.96
C ALA A 467 -26.38 11.86 -13.91
N PRO A 468 -27.43 12.70 -13.71
CA PRO A 468 -28.33 12.38 -12.60
C PRO A 468 -29.12 11.12 -12.83
N ASN A 469 -29.21 10.65 -14.06
CA ASN A 469 -29.97 9.37 -14.23
C ASN A 469 -29.13 8.06 -14.29
N GLU A 470 -27.80 8.17 -14.40
CA GLU A 470 -26.88 7.04 -14.16
C GLU A 470 -27.42 6.11 -13.06
N ASN A 471 -27.43 4.83 -13.38
CA ASN A 471 -27.90 3.84 -12.45
C ASN A 471 -27.02 2.62 -12.58
N LEU A 472 -25.86 2.61 -11.94
CA LEU A 472 -24.88 1.60 -12.31
C LEU A 472 -24.77 0.54 -11.22
N SER A 473 -24.73 -0.75 -11.60
CA SER A 473 -24.53 -1.83 -10.59
C SER A 473 -23.09 -1.74 -10.05
N ASN A 474 -22.79 -2.37 -8.89
CA ASN A 474 -21.39 -2.40 -8.39
C ASN A 474 -20.43 -2.84 -9.49
N GLU A 475 -20.82 -3.81 -10.31
CA GLU A 475 -19.87 -4.33 -11.26
C GLU A 475 -19.61 -3.29 -12.31
N GLU A 476 -20.62 -2.49 -12.68
CA GLU A 476 -20.43 -1.46 -13.72
C GLU A 476 -19.62 -0.27 -13.20
N LEU A 477 -19.75 0.02 -11.92
CA LEU A 477 -18.86 0.93 -11.24
C LEU A 477 -17.36 0.47 -11.29
N ILE A 478 -17.08 -0.78 -10.88
CA ILE A 478 -15.73 -1.35 -10.97
C ILE A 478 -15.17 -1.27 -12.41
N ARG A 479 -16.03 -1.47 -13.43
CA ARG A 479 -15.64 -1.37 -14.87
C ARG A 479 -15.65 0.04 -15.40
N GLU A 480 -15.92 1.02 -14.54
CA GLU A 480 -15.82 2.43 -14.90
C GLU A 480 -16.71 2.85 -16.09
N ASN A 481 -17.92 2.30 -16.22
CA ASN A 481 -18.87 2.73 -17.24
C ASN A 481 -19.60 4.03 -16.89
N TYR A 482 -18.91 5.16 -16.84
CA TYR A 482 -19.59 6.40 -16.50
C TYR A 482 -18.67 7.37 -17.13
N GLN A 483 -19.09 8.63 -17.24
CA GLN A 483 -18.35 9.63 -17.95
C GLN A 483 -17.53 10.34 -16.84
N GLY A 484 -16.25 10.60 -17.10
CA GLY A 484 -15.38 11.33 -16.12
C GLY A 484 -14.37 10.41 -15.39
N ILE A 485 -13.35 10.98 -14.75
CA ILE A 485 -12.34 10.20 -14.14
C ILE A 485 -12.00 10.77 -12.77
N ARG A 486 -11.39 9.97 -11.93
CA ARG A 486 -10.94 10.46 -10.63
C ARG A 486 -9.49 10.10 -10.36
N PRO A 487 -8.58 10.66 -11.17
CA PRO A 487 -7.14 10.36 -11.20
C PRO A 487 -6.66 10.74 -9.83
N ALA A 488 -5.73 9.97 -9.28
CA ALA A 488 -5.17 10.14 -7.95
C ALA A 488 -3.64 10.35 -8.06
N PRO A 489 -3.14 11.42 -7.45
CA PRO A 489 -1.73 11.72 -7.59
C PRO A 489 -0.86 10.49 -7.17
N GLY A 490 0.21 10.18 -7.89
CA GLY A 490 0.93 8.98 -7.57
C GLY A 490 0.75 7.97 -8.72
N TYR A 491 -0.47 7.84 -9.24
CA TYR A 491 -0.71 6.90 -10.35
C TYR A 491 0.01 7.41 -11.61
N PRO A 492 0.40 6.52 -12.55
CA PRO A 492 1.10 6.96 -13.74
C PRO A 492 0.39 8.06 -14.50
N ALA A 493 -0.92 8.16 -14.33
CA ALA A 493 -1.58 9.23 -15.01
C ALA A 493 -1.37 10.61 -14.45
N CYS A 494 -1.07 10.77 -13.13
CA CYS A 494 -0.58 12.03 -12.49
C CYS A 494 0.48 11.65 -11.48
N PRO A 495 1.70 11.45 -11.97
CA PRO A 495 2.63 10.78 -11.14
C PRO A 495 3.28 11.64 -10.06
N GLU A 496 3.13 12.96 -10.09
CA GLU A 496 3.87 13.83 -9.16
C GLU A 496 3.20 13.86 -7.79
N HIS A 497 3.73 13.08 -6.85
CA HIS A 497 3.09 12.94 -5.53
C HIS A 497 2.86 14.23 -4.79
N THR A 498 3.68 15.25 -5.02
CA THR A 498 3.53 16.45 -4.22
C THR A 498 2.29 17.24 -4.58
N GLU A 499 1.56 16.84 -5.60
CA GLU A 499 0.35 17.60 -5.88
C GLU A 499 -0.71 17.30 -4.85
N LYS A 500 -0.53 16.29 -4.01
CA LYS A 500 -1.49 16.19 -2.94
C LYS A 500 -1.54 17.46 -2.08
N ALA A 501 -0.47 18.27 -2.07
CA ALA A 501 -0.44 19.47 -1.25
C ALA A 501 -1.51 20.38 -1.74
N THR A 502 -1.79 20.32 -3.04
CA THR A 502 -2.74 21.21 -3.69
C THR A 502 -4.12 20.80 -3.23
N ILE A 503 -4.40 19.50 -3.33
CA ILE A 503 -5.65 19.00 -2.79
C ILE A 503 -5.80 19.38 -1.30
N TRP A 504 -4.80 19.12 -0.49
CA TRP A 504 -4.87 19.50 0.94
C TRP A 504 -5.14 20.99 1.12
N GLU A 505 -4.57 21.80 0.22
CA GLU A 505 -4.79 23.26 0.28
C GLU A 505 -6.23 23.60 -0.14
N LEU A 506 -6.65 23.16 -1.35
CA LEU A 506 -7.97 23.47 -1.82
C LEU A 506 -9.06 23.03 -0.87
N LEU A 507 -8.95 21.85 -0.24
CA LEU A 507 -10.07 21.35 0.60
C LEU A 507 -9.87 21.58 2.08
N GLU A 508 -8.72 22.12 2.44
CA GLU A 508 -8.33 22.13 3.88
C GLU A 508 -8.54 20.77 4.48
N VAL A 509 -8.03 19.74 3.79
CA VAL A 509 -8.29 18.37 4.27
C VAL A 509 -8.01 18.22 5.73
N GLU A 510 -6.82 18.52 6.16
CA GLU A 510 -6.45 18.21 7.58
C GLU A 510 -7.40 18.85 8.54
N LYS A 511 -7.81 20.09 8.28
CA LYS A 511 -8.81 20.78 9.13
C LYS A 511 -10.19 20.19 9.13
N HIS A 512 -10.60 19.63 8.02
CA HIS A 512 -12.00 19.26 7.92
C HIS A 512 -12.12 17.84 8.33
N THR A 513 -11.05 17.05 8.19
CA THR A 513 -11.24 15.60 8.38
C THR A 513 -10.21 14.94 9.26
N GLY A 514 -9.17 15.68 9.61
CA GLY A 514 -8.07 15.14 10.39
C GLY A 514 -6.96 14.37 9.66
N MET A 515 -7.06 14.20 8.35
CA MET A 515 -6.10 13.42 7.57
C MET A 515 -4.91 14.27 7.33
N LYS A 516 -3.71 13.68 7.33
CA LYS A 516 -2.46 14.40 7.28
C LYS A 516 -1.62 13.90 6.11
N LEU A 517 -0.72 14.73 5.62
CA LEU A 517 0.31 14.38 4.67
C LEU A 517 1.68 14.21 5.36
N THR A 518 2.37 13.12 5.10
CA THR A 518 3.72 12.98 5.60
C THR A 518 4.53 13.77 4.66
N GLU A 519 5.82 13.66 4.83
CA GLU A 519 6.76 14.47 4.12
C GLU A 519 7.07 13.85 2.78
N SER A 520 6.82 12.55 2.63
CA SER A 520 6.84 11.93 1.31
C SER A 520 5.47 12.13 0.61
N PHE A 521 4.56 12.85 1.28
CA PHE A 521 3.19 13.01 0.76
C PHE A 521 2.44 11.63 0.72
N ALA A 522 2.72 10.75 1.69
CA ALA A 522 1.81 9.62 1.99
C ALA A 522 0.67 10.25 2.77
N MET A 523 -0.46 9.57 2.93
CA MET A 523 -1.51 10.13 3.79
C MET A 523 -1.60 9.35 5.09
N TRP A 524 -2.06 10.01 6.16
CA TRP A 524 -2.36 9.27 7.35
C TRP A 524 -3.88 9.50 7.49
N PRO A 525 -4.68 8.46 7.76
CA PRO A 525 -4.46 7.05 7.97
C PRO A 525 -4.06 6.36 6.72
N GLY A 526 -3.45 5.21 6.89
CA GLY A 526 -3.04 4.36 5.81
C GLY A 526 -4.23 4.16 4.82
N ALA A 527 -5.43 3.94 5.36
CA ALA A 527 -6.65 3.70 4.59
C ALA A 527 -7.32 5.07 4.17
N SER A 528 -6.72 5.72 3.17
CA SER A 528 -7.12 7.04 2.64
C SER A 528 -6.92 7.10 1.13
N VAL A 529 -7.74 7.88 0.43
CA VAL A 529 -7.58 8.04 -1.06
C VAL A 529 -7.90 9.52 -1.23
N SER A 530 -7.14 10.23 -2.04
CA SER A 530 -7.49 11.56 -2.45
C SER A 530 -7.15 11.69 -3.94
N GLY A 531 -7.86 12.52 -4.69
CA GLY A 531 -7.48 12.78 -6.12
C GLY A 531 -8.45 13.84 -6.59
N TRP A 532 -8.75 13.87 -7.90
CA TRP A 532 -9.41 14.96 -8.53
C TRP A 532 -10.62 14.41 -9.26
N TYR A 533 -11.45 15.30 -9.75
CA TYR A 533 -12.52 14.93 -10.63
C TYR A 533 -12.48 15.77 -11.91
N PHE A 534 -12.58 15.09 -13.03
CA PHE A 534 -12.65 15.68 -14.37
C PHE A 534 -13.93 15.10 -14.92
N SER A 535 -14.63 15.85 -15.77
CA SER A 535 -15.93 15.40 -16.32
C SER A 535 -15.87 15.18 -17.79
N HIS A 536 -14.77 15.52 -18.44
CA HIS A 536 -14.82 15.41 -19.84
C HIS A 536 -15.09 13.94 -20.25
N PRO A 537 -15.93 13.68 -21.23
CA PRO A 537 -16.17 12.28 -21.64
C PRO A 537 -15.03 11.58 -22.33
N ASP A 538 -14.10 12.28 -22.99
CA ASP A 538 -12.91 11.67 -23.57
C ASP A 538 -11.77 11.62 -22.55
N SER A 539 -11.98 12.12 -21.33
CA SER A 539 -10.90 12.02 -20.33
C SER A 539 -10.63 10.60 -19.92
N LYS A 540 -9.34 10.27 -19.82
CA LYS A 540 -8.90 8.92 -19.47
C LYS A 540 -7.60 8.99 -18.67
N TYR A 541 -7.12 7.84 -18.23
CA TYR A 541 -5.92 7.74 -17.38
C TYR A 541 -4.69 7.41 -18.23
N TYR A 542 -4.21 8.35 -19.03
CA TYR A 542 -3.11 8.06 -19.92
C TYR A 542 -1.81 8.23 -19.16
N ALA A 543 -0.97 7.22 -19.23
CA ALA A 543 0.29 7.21 -18.49
C ALA A 543 1.15 8.36 -18.96
N VAL A 544 1.72 9.13 -18.02
CA VAL A 544 2.65 10.21 -18.41
C VAL A 544 4.02 9.67 -18.91
N ALA A 545 4.65 8.79 -18.16
CA ALA A 545 5.79 8.03 -18.74
C ALA A 545 6.96 8.95 -18.81
N GLN A 546 7.63 9.00 -19.94
CA GLN A 546 9.04 9.36 -19.90
C GLN A 546 9.31 10.79 -20.40
N ILE A 547 9.55 11.69 -19.44
CA ILE A 547 9.64 13.11 -19.74
C ILE A 547 11.12 13.56 -19.73
N GLN A 548 11.41 14.68 -20.38
CA GLN A 548 12.79 15.12 -20.57
C GLN A 548 13.22 16.29 -19.67
N ARG A 549 14.51 16.60 -19.71
CA ARG A 549 15.07 17.75 -18.98
C ARG A 549 14.24 19.00 -19.18
N ASP A 550 13.77 19.23 -20.41
CA ASP A 550 13.08 20.49 -20.67
C ASP A 550 11.79 20.62 -19.91
N GLN A 551 11.03 19.52 -19.82
CA GLN A 551 9.82 19.52 -18.98
C GLN A 551 10.18 19.66 -17.51
N VAL A 552 11.21 18.97 -17.04
CA VAL A 552 11.57 19.07 -15.62
C VAL A 552 11.83 20.50 -15.29
N GLU A 553 12.60 21.22 -16.10
CA GLU A 553 12.94 22.62 -15.82
C GLU A 553 11.76 23.55 -15.79
N ASP A 554 10.95 23.50 -16.85
CA ASP A 554 9.72 24.24 -16.89
C ASP A 554 8.75 23.87 -15.74
N TYR A 555 8.61 22.58 -15.45
CA TYR A 555 7.80 22.18 -14.31
C TYR A 555 8.36 22.72 -13.03
N ALA A 556 9.68 22.71 -12.87
CA ALA A 556 10.39 23.29 -11.70
C ALA A 556 10.07 24.74 -11.52
N ARG A 557 9.96 25.47 -12.62
CA ARG A 557 9.64 26.89 -12.59
C ARG A 557 8.20 27.09 -12.15
N ARG A 558 7.25 26.25 -12.63
CA ARG A 558 5.84 26.48 -12.35
C ARG A 558 5.58 26.29 -10.88
N LYS A 559 6.45 25.52 -10.22
CA LYS A 559 6.21 25.01 -8.85
C LYS A 559 7.10 25.70 -7.82
N GLY A 560 8.00 26.55 -8.33
CA GLY A 560 8.98 27.16 -7.46
C GLY A 560 9.82 26.12 -6.78
N MET A 561 10.27 25.10 -7.52
CA MET A 561 11.16 24.06 -6.93
C MET A 561 12.44 24.10 -7.68
N SER A 562 13.52 23.64 -7.07
CA SER A 562 14.69 23.42 -7.88
C SER A 562 14.51 22.21 -8.79
N VAL A 563 15.12 22.25 -9.97
CA VAL A 563 15.26 21.11 -10.89
C VAL A 563 15.63 19.82 -10.15
N THR A 564 16.66 19.83 -9.27
CA THR A 564 17.02 18.58 -8.57
C THR A 564 15.89 18.06 -7.65
N GLU A 565 15.16 18.95 -7.00
CA GLU A 565 14.06 18.50 -6.18
C GLU A 565 13.04 17.85 -7.11
N VAL A 566 12.88 18.41 -8.30
CA VAL A 566 11.89 17.87 -9.19
C VAL A 566 12.37 16.50 -9.68
N GLU A 567 13.63 16.42 -10.15
CA GLU A 567 14.21 15.16 -10.57
C GLU A 567 14.03 14.10 -9.49
N ARG A 568 14.11 14.48 -8.23
CA ARG A 568 13.95 13.47 -7.24
C ARG A 568 12.47 12.99 -7.20
N TRP A 569 11.50 13.93 -7.06
CA TRP A 569 10.08 13.56 -7.05
C TRP A 569 9.67 12.80 -8.30
N LEU A 570 10.25 13.08 -9.46
CA LEU A 570 9.84 12.38 -10.70
C LEU A 570 10.82 11.31 -11.17
N ALA A 571 11.72 10.83 -10.30
CA ALA A 571 12.69 9.82 -10.77
C ALA A 571 12.05 8.74 -11.68
N PRO A 572 10.92 8.11 -11.27
CA PRO A 572 10.52 6.95 -12.17
C PRO A 572 10.01 7.30 -13.58
N ASN A 573 9.82 8.61 -13.84
CA ASN A 573 9.28 9.08 -15.09
C ASN A 573 10.29 9.81 -15.98
N LEU A 574 11.52 9.99 -15.47
CA LEU A 574 12.58 10.68 -16.22
C LEU A 574 13.10 9.83 -17.41
N GLY A 575 13.13 10.43 -18.59
CA GLY A 575 13.63 9.78 -19.79
C GLY A 575 15.11 9.92 -19.95
N TYR A 576 15.80 10.07 -18.83
CA TYR A 576 17.19 10.31 -18.80
C TYR A 576 17.67 9.93 -17.41
N ASP A 577 18.97 9.70 -17.27
CA ASP A 577 19.55 9.33 -15.98
C ASP A 577 19.93 10.62 -15.26
N ALA A 578 19.23 10.88 -14.16
CA ALA A 578 19.63 11.92 -13.25
C ALA A 578 20.30 11.17 -12.12
N ASP A 579 21.17 11.88 -11.40
CA ASP A 579 21.81 11.32 -10.20
C ASP A 579 21.70 12.30 -8.98
CO B12 B . -2.66 2.29 -3.80
N21 B12 B . -1.02 2.37 -4.69
N22 B12 B . -2.41 4.08 -3.19
N23 B12 B . -3.96 1.84 -2.49
N24 B12 B . -2.59 0.46 -4.35
C1 B12 B . -0.67 1.22 -5.53
C20 B12 B . 0.42 0.59 -4.62
C2 B12 B . -0.07 1.77 -6.82
C25 B12 B . 1.15 0.88 -7.20
C26 B12 B . -1.02 1.84 -8.01
C27 B12 B . -0.35 2.34 -9.25
O28 B12 B . 0.60 3.11 -9.24
N29 B12 B . -0.92 1.88 -10.36
C3 B12 B . 0.28 3.24 -6.48
C30 B12 B . 1.61 3.46 -5.82
C31 B12 B . 2.81 3.42 -6.73
C32 B12 B . 3.35 4.80 -6.85
O34 B12 B . 3.21 5.25 -7.94
N33 B12 B . 3.93 5.45 -5.81
C4 B12 B . -0.61 3.54 -5.32
C5 B12 B . -0.92 4.90 -4.89
C35 B12 B . -0.28 5.98 -5.69
C6 B12 B . -1.86 5.12 -3.97
C7 B12 B . -2.29 6.48 -3.44
C36 B12 B . -1.08 7.44 -3.22
C37 B12 B . -3.31 7.04 -4.41
C38 B12 B . -3.85 8.39 -3.95
O39 B12 B . -3.48 9.53 -4.42
N40 B12 B . -4.74 8.14 -3.01
C8 B12 B . -2.90 6.11 -2.08
C41 B12 B . -1.90 6.23 -0.92
C42 B12 B . -2.56 5.76 0.40
C43 B12 B . -1.74 6.36 1.60
O44 B12 B . -2.10 6.36 2.78
N45 B12 B . -0.58 6.93 1.36
C9 B12 B . -3.21 4.68 -2.28
C10 B12 B . -4.05 3.95 -1.38
C11 B12 B . -4.25 2.65 -1.39
C12 B12 B . -5.21 2.16 -0.38
C46 B12 B . -6.64 2.13 -0.83
C47 B12 B . -5.04 2.18 1.09
C13 B12 B . -4.86 0.61 -0.66
C48 B12 B . -3.94 -0.20 0.29
C49 B12 B . -2.56 -0.48 -0.31
C50 B12 B . -1.85 -1.79 -0.01
O51 B12 B . -2.07 -2.82 -0.62
N52 B12 B . -0.92 -1.77 0.92
C14 B12 B . -4.26 0.53 -2.06
C15 B12 B . -4.23 -0.62 -3.01
C53 B12 B . -5.18 -1.75 -2.70
C16 B12 B . -3.51 -0.54 -4.18
C17 B12 B . -3.27 -1.61 -5.27
C54 B12 B . -4.51 -1.69 -6.18
C55 B12 B . -2.91 -2.99 -4.68
C56 B12 B . -1.92 -3.00 -3.50
C57 B12 B . -1.63 -4.41 -3.05
O58 B12 B . -1.22 -5.29 -3.82
N59 B12 B . -1.73 -4.72 -1.78
C18 B12 B . -2.04 -1.10 -6.08
C60 B12 B . -1.97 -1.37 -7.58
C61 B12 B . -1.36 -2.77 -7.69
O63 B12 B . -0.40 -3.21 -6.98
N62 B12 B . -1.97 -3.55 -8.57
C19 B12 B . -1.80 0.25 -5.48
C1P B12 B . -1.38 -6.11 -1.48
C2P B12 B . -0.59 -6.24 -0.18
C3P B12 B . -0.71 -7.61 0.45
O3 B12 B . 0.73 -6.36 -0.63
O4 B12 B . 2.45 -5.16 -1.94
O5 B12 B . 1.58 -4.06 0.26
P B12 B . 1.95 -5.32 -0.54
O2 B12 B . 3.05 -6.30 0.07
C3R B12 B . 3.26 -7.65 -0.29
C2R B12 B . 4.61 -7.64 -0.95
O7R B12 B . 4.84 -6.27 -1.30
C1R B12 B . 5.55 -8.18 0.14
O6R B12 B . 4.74 -9.04 0.95
C4R B12 B . 3.44 -8.46 1.04
C5R B12 B . 2.37 -9.56 1.15
O8R B12 B . 2.86 -10.84 0.73
N1B B12 B . 6.17 -7.13 1.06
C8B B12 B . 7.39 -7.22 1.67
C2B B12 B . 5.61 -5.98 1.50
N3B B12 B . 6.43 -5.24 2.33
C9B B12 B . 7.56 -5.99 2.51
C4B B12 B . 8.73 -5.78 3.24
C5B B12 B . 9.77 -6.71 3.21
C5M B12 B . 11.03 -6.43 4.00
C6B B12 B . 9.60 -7.96 2.40
C6M B12 B . 10.69 -8.99 2.36
C7B B12 B . 8.41 -8.17 1.65
#